data_6DIN
#
_entry.id   6DIN
#
_cell.length_a   58.854
_cell.length_b   58.854
_cell.length_c   160.908
_cell.angle_alpha   90.000
_cell.angle_beta   90.000
_cell.angle_gamma   90.000
#
_symmetry.space_group_name_H-M   'P 41 21 2'
#
loop_
_entity.id
_entity.type
_entity.pdbx_description
1 polymer 'dTDP-4-dehydrorhamnose 3,5-epimerase'
2 non-polymer 'SULFATE ION'
3 water water
#
_entity_poly.entity_id   1
_entity_poly.type   'polypeptide(L)'
_entity_poly.pdbx_seq_one_letter_code
;SNA(MSE)KATRLAIPDVILFEPRVFGDDRGFFFESYNQRAFEEACGHPVSFVQDNHSRSARGVLRGLHYQIRQAQGKLV
RATLGEVFDVAVDLRRGSPTFGQWVGERLSAENKRQ(MSE)WIPAGFAHGFVVLSEYAEFLYKTTDFWAPEHERCIVWND
PELKIDWPLQDAPLLSEKDRQGKAFADADCFP
;
_entity_poly.pdbx_strand_id   A
#
loop_
_chem_comp.id
_chem_comp.type
_chem_comp.name
_chem_comp.formula
SO4 non-polymer 'SULFATE ION' 'O4 S -2'
#
# COMPACT_ATOMS: atom_id res chain seq x y z
N SER A 1 3.65 20.10 -0.62
CA SER A 1 5.08 20.25 -0.94
C SER A 1 5.81 20.99 0.17
N ASN A 2 5.27 22.14 0.60
CA ASN A 2 5.54 22.58 1.96
C ASN A 2 4.86 21.66 2.96
N ALA A 3 3.75 21.03 2.54
CA ALA A 3 3.01 20.11 3.40
C ALA A 3 3.69 18.77 3.51
N MSE A 4 4.46 18.38 2.51
N MSE A 4 4.43 18.34 2.48
CA MSE A 4 5.18 17.11 2.57
CA MSE A 4 4.96 16.97 2.44
C MSE A 4 6.15 16.85 1.45
C MSE A 4 5.97 16.68 1.33
O MSE A 4 6.22 17.59 0.45
O MSE A 4 5.89 17.22 0.22
CB MSE A 4 4.19 15.96 2.59
CB MSE A 4 3.80 16.00 2.29
CG MSE A 4 3.30 15.85 1.40
CG MSE A 4 2.93 16.25 1.08
SE MSE A 4 2.06 14.44 1.86
SE MSE A 4 1.65 14.79 0.88
CE MSE A 4 0.64 15.51 2.69
CE MSE A 4 1.78 14.06 2.70
N LYS A 5 6.91 15.79 1.63
CA LYS A 5 7.90 15.32 0.68
C LYS A 5 7.33 14.12 -0.06
N ALA A 6 7.67 14.01 -1.35
CA ALA A 6 7.27 12.89 -2.18
C ALA A 6 8.51 12.29 -2.85
N THR A 7 8.61 10.97 -2.81
CA THR A 7 9.76 10.24 -3.35
C THR A 7 9.24 9.11 -4.23
N ARG A 8 9.63 9.12 -5.50
N ARG A 8 9.63 9.12 -5.50
CA ARG A 8 9.29 8.03 -6.39
CA ARG A 8 9.29 8.03 -6.40
C ARG A 8 10.15 6.82 -6.05
C ARG A 8 10.16 6.82 -6.07
N LEU A 9 9.53 5.66 -5.93
CA LEU A 9 10.25 4.44 -5.61
C LEU A 9 10.81 3.81 -6.89
N ALA A 10 11.40 2.62 -6.73
CA ALA A 10 12.06 1.96 -7.86
C ALA A 10 11.09 1.69 -9.00
N ILE A 11 9.83 1.43 -8.68
CA ILE A 11 8.75 1.52 -9.64
C ILE A 11 8.23 2.95 -9.54
N PRO A 12 8.57 3.84 -10.47
CA PRO A 12 8.42 5.28 -10.20
C PRO A 12 6.98 5.75 -10.02
N ASP A 13 5.98 5.00 -10.48
CA ASP A 13 4.60 5.41 -10.21
C ASP A 13 4.16 5.11 -8.79
N VAL A 14 4.92 4.33 -8.03
CA VAL A 14 4.65 4.15 -6.61
C VAL A 14 5.39 5.27 -5.87
N ILE A 15 4.64 6.04 -5.09
CA ILE A 15 5.16 7.26 -4.48
C ILE A 15 5.13 7.12 -2.97
N LEU A 16 6.25 7.42 -2.32
CA LEU A 16 6.35 7.47 -0.87
C LEU A 16 6.19 8.91 -0.43
N PHE A 17 5.17 9.19 0.38
CA PHE A 17 4.91 10.53 0.90
C PHE A 17 5.33 10.61 2.36
N GLU A 18 5.84 11.78 2.76
CA GLU A 18 6.18 11.97 4.16
C GLU A 18 5.79 13.37 4.60
N PRO A 19 4.74 13.50 5.41
CA PRO A 19 4.25 14.83 5.79
C PRO A 19 5.22 15.59 6.66
N ARG A 20 5.19 16.92 6.54
CA ARG A 20 5.91 17.78 7.46
C ARG A 20 5.13 17.88 8.77
N VAL A 21 5.84 17.75 9.89
CA VAL A 21 5.20 17.79 11.21
C VAL A 21 5.44 19.16 11.82
N PHE A 22 4.39 19.75 12.36
CA PHE A 22 4.47 21.01 13.10
C PHE A 22 4.19 20.70 14.57
N GLY A 23 5.20 20.89 15.41
CA GLY A 23 5.12 20.56 16.82
C GLY A 23 6.00 19.37 17.19
N ASP A 24 5.60 18.61 18.19
CA ASP A 24 6.34 17.42 18.61
C ASP A 24 5.35 16.45 19.27
N ASP A 25 5.87 15.51 20.06
CA ASP A 25 5.00 14.45 20.58
C ASP A 25 4.08 14.92 21.69
N ARG A 26 4.41 16.03 22.37
CA ARG A 26 3.47 16.62 23.32
C ARG A 26 2.29 17.30 22.63
N GLY A 27 2.42 17.58 21.34
CA GLY A 27 1.34 18.18 20.58
C GLY A 27 1.81 18.55 19.18
N PHE A 28 1.15 18.02 18.15
CA PHE A 28 1.59 18.28 16.79
C PHE A 28 0.40 18.38 15.84
N PHE A 29 0.72 18.81 14.62
N PHE A 29 0.70 18.93 14.64
CA PHE A 29 -0.25 18.85 13.54
CA PHE A 29 -0.20 18.97 13.50
C PHE A 29 0.48 18.56 12.24
C PHE A 29 0.55 18.47 12.27
N PHE A 30 -0.14 17.76 11.38
CA PHE A 30 0.37 17.58 10.02
C PHE A 30 -0.78 17.33 9.06
N GLU A 31 -0.53 17.65 7.79
CA GLU A 31 -1.44 17.30 6.71
C GLU A 31 -1.15 15.87 6.26
N SER A 32 -2.14 14.99 6.42
CA SER A 32 -1.96 13.64 5.89
C SER A 32 -2.36 13.52 4.43
N TYR A 33 -3.05 14.52 3.89
CA TYR A 33 -3.41 14.50 2.48
C TYR A 33 -3.63 15.93 2.02
N ASN A 34 -3.08 16.24 0.85
CA ASN A 34 -3.25 17.56 0.25
C ASN A 34 -3.42 17.32 -1.25
N GLN A 35 -4.62 17.62 -1.76
CA GLN A 35 -4.95 17.28 -3.14
C GLN A 35 -4.01 17.93 -4.13
N ARG A 36 -3.56 19.16 -3.83
CA ARG A 36 -2.65 19.85 -4.73
C ARG A 36 -1.29 19.13 -4.78
N ALA A 37 -0.74 18.80 -3.62
CA ALA A 37 0.54 18.10 -3.62
C ALA A 37 0.41 16.69 -4.21
N PHE A 38 -0.71 16.02 -3.94
CA PHE A 38 -0.89 14.65 -4.45
C PHE A 38 -0.99 14.64 -5.98
N GLU A 39 -1.84 15.49 -6.54
CA GLU A 39 -2.06 15.48 -7.98
C GLU A 39 -0.83 15.98 -8.72
N GLU A 40 -0.05 16.87 -8.10
CA GLU A 40 1.28 17.20 -8.62
C GLU A 40 2.15 15.95 -8.73
N ALA A 41 2.14 15.10 -7.70
CA ALA A 41 3.04 13.96 -7.66
C ALA A 41 2.64 12.88 -8.66
N CYS A 42 1.36 12.52 -8.70
CA CYS A 42 0.94 11.43 -9.56
C CYS A 42 0.56 11.89 -10.96
N GLY A 43 0.35 13.19 -11.16
CA GLY A 43 0.21 13.75 -12.49
C GLY A 43 -1.17 13.73 -13.09
N HIS A 44 -2.22 13.51 -12.29
CA HIS A 44 -3.58 13.47 -12.79
C HIS A 44 -4.54 13.66 -11.63
N PRO A 45 -5.77 14.10 -11.89
CA PRO A 45 -6.74 14.23 -10.80
C PRO A 45 -7.12 12.89 -10.22
N VAL A 46 -7.44 12.87 -8.93
CA VAL A 46 -7.81 11.63 -8.24
C VAL A 46 -8.94 11.93 -7.25
N SER A 47 -9.94 11.05 -7.23
N SER A 47 -9.97 11.09 -7.26
CA SER A 47 -11.06 11.16 -6.30
CA SER A 47 -11.05 11.15 -6.29
C SER A 47 -11.14 9.89 -5.46
C SER A 47 -11.04 9.89 -5.43
N PHE A 48 -11.19 10.07 -4.13
CA PHE A 48 -11.21 8.95 -3.19
C PHE A 48 -12.64 8.73 -2.69
N VAL A 49 -13.20 7.55 -2.98
CA VAL A 49 -14.60 7.29 -2.69
C VAL A 49 -14.81 6.48 -1.43
N GLN A 50 -13.74 5.96 -0.84
CA GLN A 50 -13.88 5.05 0.29
C GLN A 50 -12.59 5.10 1.10
N ASP A 51 -12.72 5.26 2.42
CA ASP A 51 -11.60 5.18 3.35
C ASP A 51 -11.82 4.00 4.28
N ASN A 52 -10.75 3.24 4.52
CA ASN A 52 -10.81 2.07 5.39
C ASN A 52 -9.84 2.20 6.56
N HIS A 53 -10.19 1.51 7.65
CA HIS A 53 -9.43 1.52 8.90
C HIS A 53 -9.42 0.10 9.44
N SER A 54 -8.24 -0.46 9.62
CA SER A 54 -8.12 -1.82 10.14
C SER A 54 -7.16 -1.84 11.33
N ARG A 55 -7.32 -2.87 12.17
CA ARG A 55 -6.43 -3.12 13.30
C ARG A 55 -6.01 -4.58 13.21
N SER A 56 -4.73 -4.85 13.38
CA SER A 56 -4.21 -6.21 13.21
C SER A 56 -3.07 -6.44 14.20
N ALA A 57 -2.91 -7.70 14.61
CA ALA A 57 -1.90 -8.07 15.57
C ALA A 57 -0.57 -8.38 14.87
N ARG A 58 0.49 -8.42 15.67
CA ARG A 58 1.83 -8.73 15.19
C ARG A 58 1.84 -9.97 14.32
N GLY A 59 2.52 -9.89 13.18
CA GLY A 59 2.67 -11.02 12.31
C GLY A 59 1.53 -11.25 11.34
N VAL A 60 0.42 -10.54 11.50
CA VAL A 60 -0.66 -10.65 10.53
C VAL A 60 -0.18 -10.09 9.20
N LEU A 61 -0.42 -10.84 8.12
CA LEU A 61 -0.09 -10.39 6.78
C LEU A 61 -1.35 -10.47 5.94
N ARG A 62 -1.77 -9.33 5.39
CA ARG A 62 -2.93 -9.23 4.49
C ARG A 62 -2.43 -8.98 3.07
N GLY A 63 -2.87 -9.80 2.13
CA GLY A 63 -2.49 -9.59 0.74
C GLY A 63 -2.11 -10.90 0.06
N LEU A 64 -1.66 -10.86 -1.19
CA LEU A 64 -1.53 -9.64 -1.98
C LEU A 64 -2.80 -9.43 -2.80
N HIS A 65 -3.50 -8.32 -2.57
CA HIS A 65 -4.85 -8.14 -3.08
C HIS A 65 -4.90 -7.11 -4.21
N TYR A 66 -5.82 -7.35 -5.14
CA TYR A 66 -6.13 -6.40 -6.20
C TYR A 66 -7.48 -6.79 -6.78
N GLN A 67 -8.14 -5.83 -7.42
CA GLN A 67 -9.33 -6.18 -8.17
C GLN A 67 -9.19 -5.61 -9.57
N ILE A 68 -9.48 -6.46 -10.57
CA ILE A 68 -9.35 -6.04 -11.96
C ILE A 68 -10.53 -5.17 -12.38
N ARG A 69 -11.74 -5.57 -12.02
N ARG A 69 -11.75 -5.58 -12.05
CA ARG A 69 -12.89 -4.70 -12.17
CA ARG A 69 -12.89 -4.70 -12.17
C ARG A 69 -12.97 -3.77 -10.97
C ARG A 69 -12.92 -3.75 -10.98
N GLN A 70 -13.41 -2.54 -11.23
CA GLN A 70 -13.38 -1.46 -10.23
C GLN A 70 -11.97 -1.33 -9.67
N ALA A 71 -10.99 -1.26 -10.58
CA ALA A 71 -9.59 -1.15 -10.19
C ALA A 71 -9.40 0.01 -9.23
N GLN A 72 -8.64 -0.23 -8.17
CA GLN A 72 -8.45 0.76 -7.10
C GLN A 72 -7.02 1.25 -7.03
N GLY A 73 -6.85 2.58 -7.01
CA GLY A 73 -5.66 3.16 -6.41
C GLY A 73 -5.82 3.26 -4.91
N LYS A 74 -4.71 3.09 -4.19
CA LYS A 74 -4.74 3.07 -2.73
C LYS A 74 -3.65 3.99 -2.18
N LEU A 75 -4.05 4.91 -1.31
CA LEU A 75 -3.13 5.76 -0.56
C LEU A 75 -3.16 5.31 0.91
N VAL A 76 -2.05 4.74 1.37
CA VAL A 76 -2.08 3.98 2.63
C VAL A 76 -1.07 4.55 3.63
N ARG A 77 -1.40 4.38 4.92
CA ARG A 77 -0.52 4.83 5.99
C ARG A 77 -0.89 4.12 7.29
N ALA A 78 0.01 4.20 8.27
CA ALA A 78 -0.19 3.57 9.58
C ALA A 78 -0.32 4.65 10.65
N THR A 79 -1.41 4.60 11.41
CA THR A 79 -1.60 5.56 12.51
C THR A 79 -1.30 4.96 13.88
N LEU A 80 -1.03 3.66 13.96
CA LEU A 80 -0.59 3.02 15.18
C LEU A 80 0.36 1.90 14.79
N GLY A 81 1.52 1.86 15.43
CA GLY A 81 2.43 0.75 15.21
C GLY A 81 3.14 0.85 13.86
N GLU A 82 3.56 -0.30 13.34
CA GLU A 82 4.45 -0.35 12.19
C GLU A 82 4.09 -1.53 11.29
N VAL A 83 4.05 -1.28 9.98
CA VAL A 83 3.87 -2.34 9.01
C VAL A 83 4.97 -2.25 7.96
N PHE A 84 5.16 -3.36 7.25
CA PHE A 84 5.93 -3.38 6.01
C PHE A 84 4.94 -3.52 4.87
N ASP A 85 4.89 -2.52 4.00
CA ASP A 85 3.86 -2.38 2.98
C ASP A 85 4.46 -2.63 1.60
N VAL A 86 3.78 -3.42 0.78
CA VAL A 86 4.31 -3.92 -0.48
C VAL A 86 3.34 -3.62 -1.61
N ALA A 87 3.88 -3.14 -2.74
CA ALA A 87 3.13 -2.96 -3.99
C ALA A 87 3.78 -3.77 -5.10
N VAL A 88 2.96 -4.47 -5.88
CA VAL A 88 3.43 -5.33 -6.97
C VAL A 88 2.80 -4.85 -8.27
N ASP A 89 3.63 -4.56 -9.26
CA ASP A 89 3.19 -4.03 -10.55
C ASP A 89 2.62 -5.17 -11.42
N LEU A 90 1.33 -5.08 -11.74
CA LEU A 90 0.64 -6.08 -12.55
C LEU A 90 0.05 -5.48 -13.83
N ARG A 91 0.61 -4.37 -14.31
CA ARG A 91 0.10 -3.68 -15.49
C ARG A 91 0.68 -4.28 -16.77
N ARG A 92 -0.20 -4.60 -17.73
N ARG A 92 -0.19 -4.66 -17.71
CA ARG A 92 0.22 -5.15 -19.01
CA ARG A 92 0.32 -5.25 -18.95
C ARG A 92 1.19 -4.21 -19.72
C ARG A 92 1.20 -4.26 -19.67
N GLY A 93 2.35 -4.75 -20.12
CA GLY A 93 3.31 -3.95 -20.84
C GLY A 93 4.17 -3.04 -19.99
N SER A 94 3.97 -3.01 -18.68
CA SER A 94 4.83 -2.20 -17.84
C SER A 94 6.26 -2.73 -17.89
N PRO A 95 7.26 -1.85 -18.01
CA PRO A 95 8.66 -2.30 -17.93
C PRO A 95 9.04 -2.80 -16.55
N THR A 96 8.21 -2.57 -15.53
CA THR A 96 8.41 -3.14 -14.21
C THR A 96 7.33 -4.17 -13.86
N PHE A 97 6.63 -4.70 -14.86
CA PHE A 97 5.67 -5.77 -14.60
C PHE A 97 6.32 -6.89 -13.79
N GLY A 98 5.65 -7.30 -12.72
CA GLY A 98 6.14 -8.37 -11.89
C GLY A 98 7.16 -7.96 -10.84
N GLN A 99 7.54 -6.70 -10.79
CA GLN A 99 8.43 -6.21 -9.74
C GLN A 99 7.60 -5.70 -8.55
N TRP A 100 8.27 -5.59 -7.40
CA TRP A 100 7.63 -5.09 -6.19
C TRP A 100 8.53 -4.05 -5.55
N VAL A 101 7.92 -3.18 -4.73
CA VAL A 101 8.63 -2.30 -3.82
C VAL A 101 7.97 -2.40 -2.45
N GLY A 102 8.76 -2.19 -1.40
CA GLY A 102 8.27 -2.29 -0.04
C GLY A 102 8.89 -1.23 0.83
N GLU A 103 8.11 -0.74 1.80
CA GLU A 103 8.55 0.30 2.72
C GLU A 103 7.93 0.07 4.09
N ARG A 104 8.69 0.41 5.13
CA ARG A 104 8.17 0.43 6.49
C ARG A 104 7.37 1.71 6.68
N LEU A 105 6.09 1.57 7.01
CA LEU A 105 5.22 2.69 7.32
C LEU A 105 4.82 2.59 8.79
N SER A 106 5.00 3.66 9.54
CA SER A 106 4.71 3.59 10.97
C SER A 106 4.02 4.86 11.42
N ALA A 107 3.41 4.79 12.60
CA ALA A 107 2.83 5.97 13.21
C ALA A 107 3.91 7.01 13.49
N GLU A 108 5.12 6.55 13.80
N GLU A 108 5.12 6.58 13.82
CA GLU A 108 6.23 7.45 14.13
CA GLU A 108 6.17 7.54 14.12
C GLU A 108 6.76 8.16 12.89
C GLU A 108 6.69 8.20 12.84
N ASN A 109 7.01 7.40 11.81
CA ASN A 109 7.60 8.00 10.62
C ASN A 109 6.57 8.68 9.73
N LYS A 110 5.28 8.40 9.93
CA LYS A 110 4.17 9.03 9.22
C LYS A 110 4.28 8.88 7.70
N ARG A 111 5.03 7.89 7.22
CA ARG A 111 5.15 7.70 5.79
C ARG A 111 3.90 7.06 5.19
N GLN A 112 3.65 7.39 3.92
CA GLN A 112 2.50 6.88 3.19
C GLN A 112 2.94 6.35 1.84
N MSE A 113 2.22 5.36 1.34
N MSE A 113 2.19 5.37 1.34
CA MSE A 113 2.48 4.88 -0.01
CA MSE A 113 2.41 4.82 0.01
C MSE A 113 1.25 5.02 -0.91
C MSE A 113 1.22 5.07 -0.90
O MSE A 113 0.15 4.65 -0.54
O MSE A 113 0.08 4.79 -0.52
CB MSE A 113 2.93 3.42 -0.02
CB MSE A 113 2.68 3.32 0.08
CG MSE A 113 4.41 3.25 0.27
CG MSE A 113 4.00 2.97 0.72
SE MSE A 113 4.95 1.38 0.48
SE MSE A 113 5.32 2.63 -0.65
CE MSE A 113 4.26 0.65 -1.20
CE MSE A 113 4.62 0.95 -1.35
N TRP A 114 1.48 5.61 -2.09
CA TRP A 114 0.49 5.66 -3.16
C TRP A 114 0.72 4.47 -4.05
N ILE A 115 -0.29 3.60 -4.14
CA ILE A 115 -0.23 2.40 -4.97
C ILE A 115 -1.27 2.53 -6.06
N PRO A 116 -0.86 2.81 -7.29
CA PRO A 116 -1.82 3.10 -8.36
C PRO A 116 -2.69 1.89 -8.68
N ALA A 117 -3.81 2.15 -9.34
CA ALA A 117 -4.56 1.08 -9.97
C ALA A 117 -3.65 0.27 -10.89
N GLY A 118 -3.84 -1.06 -10.91
CA GLY A 118 -2.97 -1.93 -11.67
C GLY A 118 -1.92 -2.64 -10.86
N PHE A 119 -1.88 -2.42 -9.55
CA PHE A 119 -0.95 -3.04 -8.62
C PHE A 119 -1.69 -3.94 -7.65
N ALA A 120 -0.99 -4.95 -7.15
CA ALA A 120 -1.43 -5.69 -5.99
C ALA A 120 -0.78 -5.11 -4.73
N HIS A 121 -1.48 -5.23 -3.60
CA HIS A 121 -1.03 -4.60 -2.37
C HIS A 121 -1.11 -5.58 -1.21
N GLY A 122 -0.12 -5.52 -0.32
CA GLY A 122 -0.14 -6.29 0.91
C GLY A 122 0.69 -5.63 1.98
N PHE A 123 0.47 -6.05 3.23
CA PHE A 123 1.31 -5.56 4.31
C PHE A 123 1.38 -6.60 5.43
N VAL A 124 2.44 -6.51 6.23
CA VAL A 124 2.61 -7.35 7.41
C VAL A 124 2.85 -6.45 8.63
N VAL A 125 2.24 -6.82 9.76
CA VAL A 125 2.36 -6.04 10.98
C VAL A 125 3.65 -6.40 11.69
N LEU A 126 4.47 -5.39 12.00
CA LEU A 126 5.75 -5.60 12.66
C LEU A 126 5.71 -5.29 14.14
N SER A 127 4.79 -4.45 14.58
CA SER A 127 4.63 -4.08 15.97
C SER A 127 3.63 -5.00 16.65
N GLU A 128 3.42 -4.79 17.95
CA GLU A 128 2.46 -5.60 18.70
C GLU A 128 1.07 -5.53 18.08
N TYR A 129 0.63 -4.33 17.71
CA TYR A 129 -0.56 -4.10 16.92
C TYR A 129 -0.24 -3.01 15.91
N ALA A 130 -0.99 -2.98 14.81
CA ALA A 130 -0.90 -1.87 13.87
C ALA A 130 -2.29 -1.47 13.43
N GLU A 131 -2.53 -0.18 13.31
CA GLU A 131 -3.75 0.30 12.70
C GLU A 131 -3.39 0.96 11.37
N PHE A 132 -4.11 0.56 10.33
CA PHE A 132 -3.74 0.80 8.95
C PHE A 132 -4.91 1.51 8.29
N LEU A 133 -4.64 2.65 7.68
CA LEU A 133 -5.65 3.46 7.05
C LEU A 133 -5.37 3.54 5.57
N TYR A 134 -6.41 3.46 4.74
CA TYR A 134 -6.18 3.75 3.34
C TYR A 134 -7.38 4.39 2.68
N LYS A 135 -7.06 5.28 1.74
CA LYS A 135 -8.01 5.96 0.87
C LYS A 135 -7.94 5.28 -0.48
N THR A 136 -9.10 4.95 -1.05
N THR A 136 -9.09 4.97 -1.06
CA THR A 136 -9.15 4.21 -2.31
CA THR A 136 -9.11 4.26 -2.32
C THR A 136 -10.04 4.90 -3.34
C THR A 136 -10.00 4.96 -3.34
N THR A 137 -9.70 4.71 -4.62
CA THR A 137 -10.35 5.42 -5.72
C THR A 137 -11.56 4.68 -6.29
N ASP A 138 -11.85 3.47 -5.83
CA ASP A 138 -13.08 2.81 -6.22
C ASP A 138 -13.50 1.93 -5.05
N PHE A 139 -14.75 1.49 -5.07
CA PHE A 139 -15.27 0.71 -3.95
C PHE A 139 -14.73 -0.71 -3.98
N TRP A 140 -14.42 -1.23 -2.80
CA TRP A 140 -14.03 -2.61 -2.65
C TRP A 140 -15.13 -3.52 -3.18
N ALA A 141 -14.74 -4.52 -3.95
CA ALA A 141 -15.68 -5.43 -4.60
C ALA A 141 -15.25 -6.85 -4.26
N PRO A 142 -15.80 -7.44 -3.20
CA PRO A 142 -15.33 -8.76 -2.77
C PRO A 142 -15.48 -9.80 -3.86
N GLU A 143 -16.50 -9.68 -4.71
CA GLU A 143 -16.69 -10.63 -5.80
C GLU A 143 -15.64 -10.48 -6.90
N HIS A 144 -14.84 -9.41 -6.87
CA HIS A 144 -13.81 -9.17 -7.86
C HIS A 144 -12.41 -9.24 -7.28
N GLU A 145 -12.26 -9.53 -5.99
CA GLU A 145 -10.94 -9.47 -5.37
C GLU A 145 -10.12 -10.69 -5.75
N ARG A 146 -8.89 -10.46 -6.19
CA ARG A 146 -7.93 -11.51 -6.50
C ARG A 146 -6.80 -11.47 -5.49
N CYS A 147 -6.07 -12.58 -5.40
CA CYS A 147 -4.99 -12.71 -4.43
C CYS A 147 -3.81 -13.46 -5.03
N ILE A 148 -2.62 -12.91 -4.84
CA ILE A 148 -1.36 -13.60 -5.10
C ILE A 148 -0.71 -13.90 -3.74
N VAL A 149 -0.27 -15.14 -3.55
CA VAL A 149 0.20 -15.59 -2.25
C VAL A 149 1.47 -14.85 -1.87
N TRP A 150 1.58 -14.50 -0.58
CA TRP A 150 2.59 -13.56 -0.10
C TRP A 150 4.00 -14.06 -0.39
N ASN A 151 4.23 -15.37 -0.33
CA ASN A 151 5.58 -15.89 -0.42
C ASN A 151 5.90 -16.43 -1.81
N ASP A 152 5.26 -15.88 -2.84
CA ASP A 152 5.45 -16.38 -4.20
C ASP A 152 6.94 -16.41 -4.54
N PRO A 153 7.47 -17.54 -5.01
CA PRO A 153 8.92 -17.65 -5.21
C PRO A 153 9.45 -16.88 -6.41
N GLU A 154 8.58 -16.45 -7.33
CA GLU A 154 9.06 -15.60 -8.42
C GLU A 154 9.13 -14.14 -7.98
N LEU A 155 8.14 -13.68 -7.24
CA LEU A 155 8.17 -12.30 -6.74
C LEU A 155 9.33 -12.11 -5.77
N LYS A 156 9.58 -13.09 -4.91
CA LYS A 156 10.71 -13.09 -3.98
C LYS A 156 10.70 -11.85 -3.09
N ILE A 157 9.53 -11.55 -2.52
CA ILE A 157 9.40 -10.37 -1.67
C ILE A 157 10.16 -10.60 -0.36
N ASP A 158 10.95 -9.60 0.04
N ASP A 158 10.97 -9.61 0.03
CA ASP A 158 11.79 -9.70 1.24
CA ASP A 158 11.80 -9.74 1.24
C ASP A 158 11.00 -9.18 2.43
C ASP A 158 11.01 -9.21 2.43
N TRP A 159 10.10 -10.03 2.92
CA TRP A 159 9.30 -9.66 4.10
C TRP A 159 10.20 -9.65 5.32
N PRO A 160 10.23 -8.56 6.10
CA PRO A 160 11.12 -8.47 7.28
C PRO A 160 10.52 -9.20 8.47
N LEU A 161 10.41 -10.51 8.34
CA LEU A 161 9.83 -11.39 9.34
C LEU A 161 10.88 -12.37 9.83
N GLN A 162 10.76 -12.75 11.09
CA GLN A 162 11.43 -13.95 11.58
C GLN A 162 10.47 -15.10 11.78
N ASP A 163 9.28 -14.82 12.30
CA ASP A 163 8.25 -15.84 12.50
C ASP A 163 7.33 -15.89 11.29
N ALA A 164 6.70 -17.05 11.09
CA ALA A 164 5.79 -17.21 9.97
C ALA A 164 4.61 -16.26 10.14
N PRO A 165 4.15 -15.62 9.07
CA PRO A 165 3.04 -14.67 9.20
C PRO A 165 1.72 -15.41 9.45
N LEU A 166 0.77 -14.66 10.00
CA LEU A 166 -0.57 -15.14 10.26
C LEU A 166 -1.47 -14.68 9.11
N LEU A 167 -2.05 -15.64 8.39
CA LEU A 167 -2.82 -15.35 7.19
C LEU A 167 -4.25 -15.83 7.35
N SER A 168 -5.17 -15.15 6.68
CA SER A 168 -6.48 -15.70 6.46
C SER A 168 -6.38 -16.91 5.54
N GLU A 169 -7.41 -17.77 5.57
CA GLU A 169 -7.38 -18.94 4.72
C GLU A 169 -7.36 -18.53 3.24
N LYS A 170 -8.11 -17.49 2.89
CA LYS A 170 -8.14 -17.01 1.51
C LYS A 170 -6.76 -16.53 1.06
N ASP A 171 -6.05 -15.80 1.92
CA ASP A 171 -4.71 -15.35 1.55
C ASP A 171 -3.72 -16.51 1.53
N ARG A 172 -3.90 -17.49 2.42
CA ARG A 172 -3.09 -18.69 2.36
C ARG A 172 -3.29 -19.40 1.02
N GLN A 173 -4.48 -19.29 0.44
CA GLN A 173 -4.82 -19.93 -0.82
C GLN A 173 -4.57 -19.03 -2.03
N GLY A 174 -3.82 -17.94 -1.88
CA GLY A 174 -3.59 -17.04 -2.99
C GLY A 174 -2.91 -17.74 -4.16
N LYS A 175 -3.17 -17.25 -5.36
CA LYS A 175 -2.60 -17.83 -6.57
C LYS A 175 -1.10 -17.59 -6.64
N ALA A 176 -0.41 -18.48 -7.35
CA ALA A 176 0.96 -18.19 -7.73
C ALA A 176 0.97 -17.04 -8.73
N PHE A 177 2.00 -16.20 -8.65
CA PHE A 177 2.12 -15.11 -9.60
C PHE A 177 2.11 -15.62 -11.04
N ALA A 178 2.68 -16.80 -11.29
CA ALA A 178 2.64 -17.37 -12.64
C ALA A 178 1.21 -17.53 -13.13
N ASP A 179 0.28 -17.81 -12.24
CA ASP A 179 -1.08 -18.18 -12.62
C ASP A 179 -2.07 -17.03 -12.48
N ALA A 180 -1.63 -15.85 -12.07
CA ALA A 180 -2.53 -14.76 -11.72
C ALA A 180 -2.96 -13.99 -12.96
N ASP A 181 -4.27 -13.73 -13.08
CA ASP A 181 -4.76 -12.82 -14.10
C ASP A 181 -4.36 -11.40 -13.73
N CYS A 182 -4.04 -10.58 -14.74
CA CYS A 182 -3.43 -9.27 -14.48
C CYS A 182 -4.22 -8.17 -15.20
N PHE A 183 -3.70 -6.93 -15.11
CA PHE A 183 -4.51 -5.79 -15.56
C PHE A 183 -4.28 -5.52 -17.05
N PRO A 184 -5.35 -5.36 -17.83
CA PRO A 184 -5.31 -4.97 -19.26
C PRO A 184 -4.59 -3.64 -19.46
S SO4 B . 6.58 -3.35 19.78
O1 SO4 B . 6.46 -4.33 20.86
O2 SO4 B . 7.29 -3.98 18.65
O3 SO4 B . 5.25 -2.90 19.37
O4 SO4 B . 7.35 -2.20 20.24
S SO4 C . -12.06 13.58 -3.26
O1 SO4 C . -10.81 12.84 -3.12
O2 SO4 C . -12.94 12.91 -4.20
O3 SO4 C . -11.76 14.93 -3.75
O4 SO4 C . -12.72 13.66 -1.96
S SO4 D . 3.58 -9.75 21.55
O1 SO4 D . 4.28 -11.02 21.74
O2 SO4 D . 3.12 -9.66 20.17
O3 SO4 D . 2.44 -9.67 22.47
O4 SO4 D . 4.50 -8.64 21.84
S SO4 E . -15.19 -1.17 -14.05
O1 SO4 E . -15.02 -2.55 -13.58
O2 SO4 E . -15.05 -1.13 -15.50
O3 SO4 E . -16.53 -0.70 -13.68
O4 SO4 E . -14.18 -0.32 -13.43
#